data_4G2K
#
_entry.id   4G2K
#
_cell.length_a   52.574
_cell.length_b   147.529
_cell.length_c   42.198
_cell.angle_alpha   90.000
_cell.angle_beta   90.000
_cell.angle_gamma   90.000
#
_symmetry.space_group_name_H-M   'P 21 21 2'
#
loop_
_entity.id
_entity.type
_entity.pdbx_description
1 polymer 'General control protein GCN4, Envelope glycoprotein GP2 chimera'
2 non-polymer GLYCEROL
3 non-polymer 'CHLORIDE ION'
4 water water
#
_entity_poly.entity_id   1
_entity_poly.type   'polypeptide(L)'
_entity_poly.pdbx_seq_one_letter_code
;MHHHHHHENLYFQGNMKQIEDKIEEILSKIYHIENEIARIKKLIGNLVSRLRRLANQTAKSLELLLRVTTEERTFSLINR
HAIDFLLTRWGGTCKVLGPDCSIGIEDLSRNISEQIDQIKKDEQK
;
_entity_poly.pdbx_strand_id   A,B,C
#
loop_
_chem_comp.id
_chem_comp.type
_chem_comp.name
_chem_comp.formula
CL non-polymer 'CHLORIDE ION' 'Cl -1'
GOL non-polymer GLYCEROL 'C3 H8 O3'
#
# COMPACT_ATOMS: atom_id res chain seq x y z
N MET A 16 -7.75 32.60 -54.91
CA MET A 16 -7.03 32.47 -53.60
C MET A 16 -7.80 33.11 -52.43
N LYS A 17 -9.10 33.32 -52.61
CA LYS A 17 -10.00 33.69 -51.51
C LYS A 17 -10.17 32.48 -50.59
N GLN A 18 -9.95 31.30 -51.16
CA GLN A 18 -9.86 30.04 -50.44
C GLN A 18 -8.75 30.06 -49.38
N ILE A 19 -7.65 30.76 -49.67
CA ILE A 19 -6.50 30.89 -48.75
C ILE A 19 -6.90 31.57 -47.43
N GLU A 20 -7.58 32.70 -47.52
CA GLU A 20 -8.10 33.39 -46.33
C GLU A 20 -8.85 32.39 -45.45
N ASP A 21 -9.60 31.52 -46.11
CA ASP A 21 -10.44 30.53 -45.42
C ASP A 21 -9.70 29.30 -44.90
N LYS A 22 -8.70 28.80 -45.62
CA LYS A 22 -7.83 27.73 -45.06
C LYS A 22 -7.18 28.27 -43.79
N ILE A 23 -6.78 29.53 -43.83
CA ILE A 23 -6.20 30.18 -42.67
C ILE A 23 -7.19 30.24 -41.56
N GLU A 24 -8.40 30.66 -41.87
CA GLU A 24 -9.43 30.71 -40.82
C GLU A 24 -9.62 29.37 -40.13
N GLU A 25 -9.66 28.29 -40.91
CA GLU A 25 -9.80 26.96 -40.32
C GLU A 25 -8.58 26.52 -39.50
N ILE A 26 -7.39 26.87 -39.99
CA ILE A 26 -6.16 26.59 -39.21
C ILE A 26 -6.21 27.32 -37.83
N LEU A 27 -6.64 28.57 -37.85
CA LEU A 27 -6.72 29.37 -36.60
C LEU A 27 -7.76 28.83 -35.61
N SER A 28 -8.89 28.39 -36.14
CA SER A 28 -9.82 27.61 -35.34
C SER A 28 -9.17 26.35 -34.74
N LYS A 29 -8.51 25.55 -35.57
CA LYS A 29 -7.97 24.26 -35.11
C LYS A 29 -6.96 24.50 -33.98
N ILE A 30 -6.11 25.51 -34.17
CA ILE A 30 -5.09 25.87 -33.17
C ILE A 30 -5.73 26.26 -31.84
N TYR A 31 -6.81 27.03 -31.88
CA TYR A 31 -7.54 27.44 -30.70
C TYR A 31 -8.04 26.21 -29.94
N HIS A 32 -8.59 25.26 -30.66
CA HIS A 32 -9.07 24.05 -30.07
C HIS A 32 -7.94 23.17 -29.51
N ILE A 33 -6.88 23.03 -30.25
CA ILE A 33 -5.68 22.31 -29.75
C ILE A 33 -5.14 22.92 -28.46
N GLU A 34 -5.06 24.25 -28.40
CA GLU A 34 -4.66 24.95 -27.16
C GLU A 34 -5.56 24.60 -25.97
N ASN A 35 -6.88 24.62 -26.18
CA ASN A 35 -7.81 24.21 -25.13
C ASN A 35 -7.62 22.75 -24.69
N GLU A 36 -7.41 21.84 -25.64
CA GLU A 36 -7.11 20.44 -25.31
C GLU A 36 -5.85 20.29 -24.48
N ILE A 37 -4.80 21.02 -24.84
CA ILE A 37 -3.58 21.06 -24.06
C ILE A 37 -3.78 21.58 -22.63
N ALA A 38 -4.52 22.68 -22.48
CA ALA A 38 -4.84 23.18 -21.11
C ALA A 38 -5.54 22.10 -20.28
N ARG A 39 -6.59 21.52 -20.88
CA ARG A 39 -7.32 20.44 -20.25
C ARG A 39 -6.41 19.25 -19.85
N ILE A 40 -5.51 18.85 -20.74
CA ILE A 40 -4.60 17.74 -20.48
C ILE A 40 -3.67 18.04 -19.29
N LYS A 41 -3.12 19.26 -19.23
CA LYS A 41 -2.21 19.65 -18.13
C LYS A 41 -2.91 19.57 -16.79
N LYS A 42 -4.20 19.91 -16.82
CA LYS A 42 -5.06 19.77 -15.66
C LYS A 42 -5.25 18.31 -15.25
N LEU A 43 -5.52 17.43 -16.22
CA LEU A 43 -5.71 16.00 -15.95
C LEU A 43 -4.48 15.39 -15.32
N ILE A 44 -3.31 15.76 -15.84
CA ILE A 44 -2.04 15.26 -15.31
C ILE A 44 -1.84 15.75 -13.87
N GLY A 45 -2.15 17.02 -13.64
CA GLY A 45 -2.07 17.58 -12.31
C GLY A 45 -2.99 16.82 -11.34
N ASN A 46 -4.20 16.47 -11.81
CA ASN A 46 -5.13 15.68 -11.00
CA ASN A 46 -5.11 15.69 -10.98
C ASN A 46 -4.57 14.29 -10.68
N LEU A 47 -3.95 13.67 -11.68
CA LEU A 47 -3.31 12.37 -11.51
C LEU A 47 -2.17 12.42 -10.52
N VAL A 48 -1.37 13.47 -10.57
CA VAL A 48 -0.25 13.58 -9.64
C VAL A 48 -0.77 13.68 -8.21
N SER A 49 -1.76 14.54 -7.99
CA SER A 49 -2.36 14.71 -6.66
CA SER A 49 -2.33 14.71 -6.66
C SER A 49 -2.98 13.41 -6.17
N ARG A 50 -3.57 12.66 -7.07
CA ARG A 50 -4.18 11.40 -6.73
C ARG A 50 -3.13 10.37 -6.31
N LEU A 51 -2.02 10.38 -7.00
CA LEU A 51 -0.88 9.51 -6.69
C LEU A 51 -0.30 9.86 -5.32
N ARG A 52 -0.04 11.15 -5.07
CA ARG A 52 0.35 11.60 -3.70
C ARG A 52 -0.63 11.18 -2.59
N ARG A 53 -1.91 11.33 -2.83
CA ARG A 53 -2.95 10.92 -1.87
C ARG A 53 -2.80 9.44 -1.55
N LEU A 54 -2.61 8.60 -2.59
CA LEU A 54 -2.51 7.16 -2.35
C LEU A 54 -1.22 6.83 -1.58
N ALA A 55 -0.11 7.47 -1.95
CA ALA A 55 1.14 7.28 -1.24
C ALA A 55 0.97 7.61 0.24
N ASN A 56 0.30 8.73 0.52
CA ASN A 56 0.09 9.17 1.88
C ASN A 56 -0.75 8.16 2.66
N GLN A 57 -1.85 7.71 2.03
CA GLN A 57 -2.71 6.72 2.66
C GLN A 57 -2.00 5.37 2.86
N THR A 58 -1.19 4.96 1.88
CA THR A 58 -0.47 3.71 1.99
C THR A 58 0.49 3.80 3.17
N ALA A 59 1.28 4.87 3.23
CA ALA A 59 2.29 5.04 4.30
C ALA A 59 1.60 5.02 5.69
N LYS A 60 0.48 5.75 5.85
CA LYS A 60 -0.25 5.75 7.10
C LYS A 60 -0.80 4.37 7.49
N SER A 61 -1.26 3.61 6.52
CA SER A 61 -1.78 2.26 6.82
C SER A 61 -0.65 1.33 7.22
N LEU A 62 0.47 1.45 6.51
CA LEU A 62 1.65 0.63 6.82
C LEU A 62 2.23 0.97 8.20
N GLU A 63 2.24 2.25 8.55
CA GLU A 63 2.69 2.66 9.89
C GLU A 63 1.83 2.03 10.97
N LEU A 64 0.51 2.01 10.76
CA LEU A 64 -0.41 1.43 11.75
C LEU A 64 -0.23 -0.09 11.89
N LEU A 65 -0.10 -0.79 10.77
CA LEU A 65 0.24 -2.21 10.80
C LEU A 65 1.64 -2.49 11.39
N LEU A 66 2.61 -1.61 11.12
CA LEU A 66 3.91 -1.69 11.82
C LEU A 66 3.73 -1.69 13.37
N ARG A 67 2.97 -0.73 13.87
CA ARG A 67 2.70 -0.62 15.29
C ARG A 67 2.03 -1.86 15.82
N VAL A 68 1.01 -2.37 15.11
CA VAL A 68 0.23 -3.51 15.64
C VAL A 68 1.11 -4.75 15.66
N THR A 69 1.87 -4.96 14.58
CA THR A 69 2.70 -6.16 14.48
C THR A 69 3.84 -6.11 15.50
N THR A 70 4.43 -4.94 15.72
CA THR A 70 5.48 -4.78 16.75
C THR A 70 4.95 -5.11 18.15
N GLU A 71 3.78 -4.59 18.48
CA GLU A 71 3.23 -4.84 19.80
C GLU A 71 2.84 -6.28 19.98
N GLU A 72 2.35 -6.91 18.92
CA GLU A 72 1.94 -8.33 19.00
C GLU A 72 3.15 -9.22 19.22
N ARG A 73 4.25 -8.89 18.55
CA ARG A 73 5.49 -9.64 18.75
C ARG A 73 5.92 -9.51 20.21
N THR A 74 6.05 -8.27 20.69
CA THR A 74 6.42 -8.02 22.09
C THR A 74 5.50 -8.78 23.06
N PHE A 75 4.19 -8.67 22.86
CA PHE A 75 3.24 -9.32 23.79
C PHE A 75 3.36 -10.85 23.75
N SER A 76 3.56 -11.42 22.58
CA SER A 76 3.70 -12.87 22.45
C SER A 76 4.98 -13.39 23.14
N LEU A 77 6.07 -12.64 22.99
CA LEU A 77 7.34 -12.99 23.66
C LEU A 77 7.22 -12.99 25.17
N ILE A 78 6.44 -12.04 25.69
CA ILE A 78 6.15 -11.98 27.11
C ILE A 78 5.32 -13.18 27.52
N ASN A 79 4.28 -13.52 26.75
CA ASN A 79 3.53 -14.76 26.97
C ASN A 79 4.47 -15.96 27.00
N ARG A 80 5.47 -16.02 26.11
CA ARG A 80 6.48 -17.12 26.14
C ARG A 80 7.28 -17.13 27.46
N HIS A 81 7.64 -15.95 27.98
CA HIS A 81 8.36 -15.88 29.28
CA HIS A 81 8.34 -15.85 29.28
C HIS A 81 7.53 -16.52 30.39
N ALA A 82 6.23 -16.23 30.42
CA ALA A 82 5.32 -16.83 31.40
C ALA A 82 5.28 -18.36 31.23
N ILE A 83 5.16 -18.79 29.97
CA ILE A 83 5.10 -20.19 29.65
C ILE A 83 6.38 -20.89 30.07
N ASP A 84 7.53 -20.25 29.78
CA ASP A 84 8.87 -20.78 30.16
C ASP A 84 8.95 -21.02 31.68
N PHE A 85 8.47 -20.04 32.44
CA PHE A 85 8.40 -20.14 33.89
C PHE A 85 7.57 -21.38 34.27
N LEU A 86 6.38 -21.48 33.69
CA LEU A 86 5.44 -22.56 34.03
C LEU A 86 5.93 -23.97 33.68
N LEU A 87 6.72 -24.08 32.60
CA LEU A 87 7.20 -25.38 32.16
C LEU A 87 8.48 -25.82 32.86
N THR A 88 9.09 -24.96 33.68
CA THR A 88 10.40 -25.32 34.28
C THR A 88 10.31 -26.61 35.07
N ARG A 89 9.22 -26.77 35.80
CA ARG A 89 9.08 -27.94 36.67
C ARG A 89 8.72 -29.25 35.93
N TRP A 90 8.35 -29.15 34.65
CA TRP A 90 8.28 -30.34 33.77
C TRP A 90 9.56 -30.50 32.96
N GLY A 91 10.61 -29.81 33.37
CA GLY A 91 11.92 -29.91 32.73
C GLY A 91 12.15 -28.98 31.55
N GLY A 92 11.32 -27.95 31.42
CA GLY A 92 11.61 -26.87 30.48
C GLY A 92 10.78 -26.94 29.21
N THR A 93 10.60 -25.77 28.60
CA THR A 93 9.85 -25.61 27.37
C THR A 93 10.30 -26.58 26.25
N CYS A 94 11.61 -26.71 26.05
CA CYS A 94 12.13 -27.55 24.97
C CYS A 94 11.85 -29.03 25.15
N LYS A 95 11.89 -29.48 26.39
CA LYS A 95 11.51 -30.84 26.76
C LYS A 95 10.01 -31.11 26.49
N VAL A 96 9.16 -30.15 26.84
CA VAL A 96 7.72 -30.35 26.69
C VAL A 96 7.27 -30.18 25.24
N LEU A 97 7.77 -29.15 24.56
CA LEU A 97 7.35 -28.80 23.19
C LEU A 97 8.17 -29.48 22.10
N GLY A 98 9.41 -29.84 22.42
CA GLY A 98 10.34 -30.33 21.42
C GLY A 98 11.03 -29.17 20.73
N PRO A 99 11.71 -29.44 19.60
CA PRO A 99 12.52 -28.44 18.87
C PRO A 99 11.74 -27.20 18.45
N ASP A 100 10.43 -27.32 18.31
CA ASP A 100 9.59 -26.14 18.03
C ASP A 100 9.79 -25.04 19.09
N CYS A 101 10.33 -25.40 20.27
CA CYS A 101 10.61 -24.39 21.34
C CYS A 101 11.50 -23.24 20.83
N SER A 102 12.36 -23.52 19.85
CA SER A 102 13.34 -22.53 19.42
C SER A 102 12.83 -21.60 18.29
N ILE A 103 11.65 -21.92 17.74
CA ILE A 103 11.02 -21.08 16.73
C ILE A 103 10.74 -19.72 17.37
N GLY A 104 11.21 -18.67 16.72
CA GLY A 104 10.96 -17.29 17.19
C GLY A 104 10.18 -16.41 16.23
N ILE A 105 10.19 -15.10 16.51
CA ILE A 105 9.59 -14.09 15.65
C ILE A 105 10.69 -13.09 15.26
N GLU A 106 11.11 -13.12 13.99
CA GLU A 106 12.16 -12.20 13.56
C GLU A 106 11.61 -10.77 13.66
N ASP A 107 12.38 -9.88 14.27
CA ASP A 107 12.01 -8.48 14.33
C ASP A 107 12.31 -7.78 13.00
N LEU A 108 11.28 -7.49 12.21
CA LEU A 108 11.51 -6.82 10.91
C LEU A 108 11.09 -5.36 10.96
N SER A 109 10.98 -4.80 12.17
CA SER A 109 10.47 -3.44 12.29
C SER A 109 11.38 -2.40 11.61
N ARG A 110 12.69 -2.55 11.70
CA ARG A 110 13.60 -1.63 11.01
C ARG A 110 13.37 -1.64 9.49
N ASN A 111 13.23 -2.84 8.92
CA ASN A 111 13.03 -3.07 7.51
C ASN A 111 11.74 -2.46 7.00
N ILE A 112 10.68 -2.63 7.78
CA ILE A 112 9.36 -2.09 7.43
C ILE A 112 9.37 -0.56 7.50
N SER A 113 9.93 -0.05 8.60
CA SER A 113 10.11 1.37 8.81
C SER A 113 10.94 2.07 7.69
N GLU A 114 12.01 1.43 7.23
CA GLU A 114 12.79 1.94 6.09
C GLU A 114 11.97 2.12 4.83
N GLN A 115 11.14 1.12 4.52
CA GLN A 115 10.30 1.16 3.34
C GLN A 115 9.21 2.26 3.48
N ILE A 116 8.53 2.34 4.62
CA ILE A 116 7.63 3.46 4.87
C ILE A 116 8.35 4.80 4.68
N ASP A 117 9.52 4.96 5.30
CA ASP A 117 10.29 6.22 5.20
C ASP A 117 10.58 6.62 3.77
N GLN A 118 10.78 5.62 2.90
CA GLN A 118 11.05 5.90 1.49
CA GLN A 118 11.04 5.87 1.48
C GLN A 118 9.80 6.41 0.78
N ILE A 119 8.63 5.90 1.17
CA ILE A 119 7.36 6.41 0.66
C ILE A 119 7.19 7.89 1.08
N LYS A 120 7.45 8.18 2.35
CA LYS A 120 7.19 9.53 2.86
C LYS A 120 8.22 10.51 2.33
N LYS A 121 9.46 10.01 2.15
CA LYS A 121 10.59 10.74 1.60
C LYS A 121 10.33 11.20 0.17
N ASP A 122 9.69 10.33 -0.63
CA ASP A 122 9.34 10.71 -1.99
C ASP A 122 8.33 11.86 -2.01
N GLU A 123 7.66 12.11 -0.89
CA GLU A 123 6.68 13.19 -0.83
C GLU A 123 7.32 14.58 -0.63
N GLN A 124 8.64 14.68 -0.80
CA GLN A 124 9.35 15.97 -0.75
C GLN A 124 9.89 16.45 -2.12
N LYS A 125 9.80 15.60 -3.13
CA LYS A 125 10.18 15.97 -4.50
C LYS A 125 8.98 16.33 -5.39
N MET B 16 -0.95 39.95 -50.84
CA MET B 16 -1.24 38.94 -49.78
C MET B 16 -0.38 39.20 -48.53
N LYS B 17 -0.16 40.48 -48.24
CA LYS B 17 0.70 40.94 -47.12
C LYS B 17 0.14 40.57 -45.73
N GLN B 18 -1.18 40.64 -45.59
CA GLN B 18 -1.89 40.25 -44.37
C GLN B 18 -1.73 38.74 -44.09
N ILE B 19 -1.88 37.95 -45.16
CA ILE B 19 -1.80 36.50 -45.11
C ILE B 19 -0.43 35.99 -44.63
N GLU B 20 0.66 36.54 -45.18
CA GLU B 20 2.03 36.14 -44.79
C GLU B 20 2.34 36.41 -43.32
N ASP B 21 1.83 37.52 -42.79
CA ASP B 21 1.94 37.81 -41.35
C ASP B 21 1.28 36.72 -40.48
N LYS B 22 0.06 36.33 -40.87
CA LYS B 22 -0.71 35.30 -40.16
C LYS B 22 -0.02 33.94 -40.24
N ILE B 23 0.56 33.65 -41.39
CA ILE B 23 1.28 32.39 -41.54
C ILE B 23 2.48 32.30 -40.59
N GLU B 24 3.22 33.40 -40.45
CA GLU B 24 4.31 33.44 -39.47
C GLU B 24 3.85 33.28 -38.02
N GLU B 25 2.72 33.91 -37.69
CA GLU B 25 2.11 33.76 -36.39
C GLU B 25 1.71 32.30 -36.08
N ILE B 26 1.13 31.64 -37.07
CA ILE B 26 0.68 30.24 -36.98
C ILE B 26 1.91 29.35 -36.82
N LEU B 27 2.96 29.65 -37.57
CA LEU B 27 4.20 28.87 -37.37
C LEU B 27 4.74 28.93 -35.93
N SER B 28 4.83 30.14 -35.38
CA SER B 28 5.22 30.36 -33.98
C SER B 28 4.30 29.63 -33.00
N LYS B 29 2.99 29.75 -33.22
CA LYS B 29 2.01 29.05 -32.38
C LYS B 29 2.16 27.55 -32.40
N ILE B 30 2.38 27.00 -33.59
CA ILE B 30 2.66 25.59 -33.74
C ILE B 30 3.93 25.18 -33.00
N TYR B 31 4.99 25.98 -33.12
CA TYR B 31 6.23 25.66 -32.42
C TYR B 31 6.00 25.52 -30.89
N HIS B 32 5.25 26.46 -30.32
CA HIS B 32 4.91 26.49 -28.88
C HIS B 32 4.09 25.25 -28.51
N ILE B 33 3.13 24.88 -29.36
CA ILE B 33 2.30 23.69 -29.12
C ILE B 33 3.15 22.44 -29.09
N GLU B 34 4.08 22.33 -30.03
CA GLU B 34 4.99 21.17 -30.08
C GLU B 34 5.80 21.05 -28.81
N ASN B 35 6.29 22.18 -28.32
CA ASN B 35 7.07 22.23 -27.09
C ASN B 35 6.19 21.84 -25.89
N GLU B 36 4.95 22.35 -25.87
CA GLU B 36 4.01 21.92 -24.80
C GLU B 36 3.76 20.40 -24.84
N ILE B 37 3.55 19.84 -26.03
CA ILE B 37 3.32 18.40 -26.15
C ILE B 37 4.56 17.63 -25.65
N ALA B 38 5.72 18.10 -26.04
CA ALA B 38 6.97 17.47 -25.58
C ALA B 38 7.09 17.47 -24.04
N ARG B 39 6.77 18.60 -23.42
CA ARG B 39 6.79 18.70 -21.97
C ARG B 39 5.75 17.74 -21.35
N ILE B 40 4.55 17.70 -21.93
CA ILE B 40 3.49 16.80 -21.47
C ILE B 40 3.95 15.34 -21.47
N LYS B 41 4.66 14.92 -22.51
CA LYS B 41 5.19 13.55 -22.55
C LYS B 41 6.22 13.24 -21.45
N LYS B 42 7.02 14.24 -21.09
CA LYS B 42 8.01 14.11 -20.01
C LYS B 42 7.27 13.95 -18.68
N LEU B 43 6.18 14.70 -18.53
CA LEU B 43 5.41 14.65 -17.29
C LEU B 43 4.70 13.29 -17.13
N ILE B 44 4.26 12.72 -18.26
CA ILE B 44 3.63 11.41 -18.23
C ILE B 44 4.66 10.34 -17.90
N GLY B 45 5.86 10.47 -18.50
CA GLY B 45 6.96 9.55 -18.22
C GLY B 45 7.28 9.56 -16.73
N ASN B 46 7.36 10.76 -16.16
CA ASN B 46 7.68 10.89 -14.77
C ASN B 46 6.59 10.30 -13.87
N LEU B 47 5.33 10.47 -14.26
CA LEU B 47 4.23 9.94 -13.49
C LEU B 47 4.21 8.40 -13.52
N VAL B 48 4.48 7.82 -14.71
CA VAL B 48 4.70 6.38 -14.85
C VAL B 48 5.79 5.88 -13.90
N SER B 49 6.94 6.58 -13.87
CA SER B 49 8.04 6.23 -12.97
C SER B 49 7.63 6.23 -11.49
N ARG B 50 6.95 7.28 -11.06
CA ARG B 50 6.44 7.37 -9.72
C ARG B 50 5.48 6.27 -9.36
N LEU B 51 4.56 5.98 -10.24
CA LEU B 51 3.59 4.91 -9.95
C LEU B 51 4.28 3.56 -9.79
N ARG B 52 5.27 3.28 -10.64
CA ARG B 52 6.04 2.04 -10.57
C ARG B 52 6.78 1.97 -9.22
N ARG B 53 7.45 3.06 -8.88
CA ARG B 53 8.18 3.20 -7.62
C ARG B 53 7.26 2.98 -6.39
N LEU B 54 6.08 3.64 -6.37
CA LEU B 54 5.17 3.42 -5.26
C LEU B 54 4.74 1.96 -5.21
N ALA B 55 4.38 1.38 -6.34
CA ALA B 55 4.01 -0.06 -6.38
C ALA B 55 5.10 -0.97 -5.81
N ASN B 56 6.35 -0.70 -6.18
CA ASN B 56 7.50 -1.47 -5.70
CA ASN B 56 7.48 -1.50 -5.70
C ASN B 56 7.62 -1.41 -4.17
N GLN B 57 7.49 -0.18 -3.64
CA GLN B 57 7.63 0.08 -2.21
C GLN B 57 6.46 -0.53 -1.43
N THR B 58 5.26 -0.49 -2.03
CA THR B 58 4.06 -1.11 -1.42
C THR B 58 4.28 -2.62 -1.35
N ALA B 59 4.64 -3.22 -2.48
CA ALA B 59 4.88 -4.66 -2.55
C ALA B 59 5.92 -5.10 -1.51
N LYS B 60 7.03 -4.37 -1.41
CA LYS B 60 8.12 -4.82 -0.52
C LYS B 60 7.64 -4.75 0.94
N SER B 61 6.95 -3.67 1.29
CA SER B 61 6.34 -3.52 2.64
C SER B 61 5.35 -4.62 2.99
N LEU B 62 4.43 -4.93 2.06
CA LEU B 62 3.45 -5.99 2.26
C LEU B 62 4.13 -7.35 2.42
N GLU B 63 5.21 -7.55 1.68
CA GLU B 63 5.96 -8.77 1.82
C GLU B 63 6.52 -8.86 3.23
N LEU B 64 7.06 -7.76 3.75
CA LEU B 64 7.58 -7.84 5.14
C LEU B 64 6.51 -8.10 6.17
N LEU B 65 5.36 -7.45 6.00
CA LEU B 65 4.28 -7.62 6.96
C LEU B 65 3.70 -9.02 6.89
N LEU B 66 3.61 -9.59 5.69
CA LEU B 66 3.24 -10.95 5.53
C LEU B 66 4.19 -11.93 6.27
N ARG B 67 5.49 -11.70 6.18
CA ARG B 67 6.45 -12.54 6.93
C ARG B 67 6.23 -12.44 8.44
N VAL B 68 6.16 -11.21 8.95
CA VAL B 68 5.86 -10.98 10.39
C VAL B 68 4.56 -11.59 10.86
N THR B 69 3.45 -11.35 10.17
CA THR B 69 2.18 -11.89 10.63
C THR B 69 2.13 -13.42 10.54
N THR B 70 2.81 -14.02 9.56
CA THR B 70 2.85 -15.49 9.47
C THR B 70 3.66 -16.05 10.64
N GLU B 71 4.80 -15.44 10.92
CA GLU B 71 5.62 -15.91 12.05
C GLU B 71 4.92 -15.72 13.38
N GLU B 72 4.23 -14.60 13.54
CA GLU B 72 3.39 -14.38 14.74
C GLU B 72 2.30 -15.41 14.95
N ARG B 73 1.63 -15.79 13.88
CA ARG B 73 0.58 -16.77 13.98
C ARG B 73 1.15 -18.10 14.42
N THR B 74 2.27 -18.49 13.81
CA THR B 74 2.90 -19.73 14.19
C THR B 74 3.32 -19.75 15.65
N PHE B 75 3.90 -18.65 16.10
CA PHE B 75 4.38 -18.56 17.48
C PHE B 75 3.24 -18.57 18.51
N SER B 76 2.13 -17.94 18.19
CA SER B 76 0.95 -18.00 19.08
C SER B 76 0.35 -19.37 19.18
N LEU B 77 0.33 -20.08 18.04
CA LEU B 77 -0.19 -21.44 18.02
C LEU B 77 0.67 -22.37 18.88
N ILE B 78 2.00 -22.19 18.81
CA ILE B 78 2.90 -22.98 19.66
C ILE B 78 2.71 -22.58 21.15
N ASN B 79 2.56 -21.29 21.42
CA ASN B 79 2.16 -20.83 22.76
C ASN B 79 0.87 -21.52 23.23
N ARG B 80 -0.15 -21.63 22.34
CA ARG B 80 -1.37 -22.38 22.72
C ARG B 80 -1.12 -23.87 22.99
N HIS B 81 -0.25 -24.53 22.23
CA HIS B 81 0.04 -25.94 22.50
CA HIS B 81 0.09 -25.93 22.48
C HIS B 81 0.54 -26.07 23.95
N ALA B 82 1.45 -25.18 24.38
CA ALA B 82 2.01 -25.22 25.74
C ALA B 82 0.92 -25.00 26.77
N ILE B 83 0.04 -24.03 26.48
CA ILE B 83 -1.05 -23.70 27.37
C ILE B 83 -2.00 -24.91 27.50
N ASP B 84 -2.38 -25.53 26.37
CA ASP B 84 -3.22 -26.73 26.39
C ASP B 84 -2.61 -27.82 27.25
N PHE B 85 -1.31 -28.04 27.09
CA PHE B 85 -0.62 -29.00 27.94
C PHE B 85 -0.80 -28.65 29.42
N LEU B 86 -0.52 -27.40 29.75
CA LEU B 86 -0.59 -26.91 31.13
C LEU B 86 -1.98 -26.99 31.73
N LEU B 87 -3.02 -26.83 30.90
CA LEU B 87 -4.38 -26.83 31.40
C LEU B 87 -4.99 -28.23 31.51
N THR B 88 -4.21 -29.25 31.15
CA THR B 88 -4.66 -30.65 31.26
C THR B 88 -5.15 -31.02 32.67
N ARG B 89 -4.29 -30.83 33.68
CA ARG B 89 -4.65 -31.11 35.08
C ARG B 89 -5.86 -30.31 35.58
N TRP B 90 -6.16 -29.20 34.91
CA TRP B 90 -7.30 -28.37 35.25
C TRP B 90 -8.58 -28.74 34.50
N GLY B 91 -8.53 -29.82 33.72
CA GLY B 91 -9.67 -30.31 32.95
C GLY B 91 -9.75 -29.85 31.51
N GLY B 92 -8.73 -29.12 31.05
CA GLY B 92 -8.66 -28.69 29.66
C GLY B 92 -8.97 -27.23 29.41
N THR B 93 -8.45 -26.71 28.31
CA THR B 93 -8.62 -25.33 27.88
C THR B 93 -10.07 -24.91 27.77
N CYS B 94 -10.92 -25.75 27.15
CA CYS B 94 -12.35 -25.37 27.05
C CYS B 94 -13.07 -25.24 28.39
N LYS B 95 -12.77 -26.13 29.33
CA LYS B 95 -13.37 -26.05 30.69
C LYS B 95 -12.85 -24.84 31.48
N VAL B 96 -11.60 -24.49 31.26
CA VAL B 96 -10.97 -23.38 31.97
C VAL B 96 -11.43 -22.00 31.44
N LEU B 97 -11.45 -21.83 30.10
CA LEU B 97 -11.66 -20.52 29.46
C LEU B 97 -13.08 -20.31 28.91
N GLY B 98 -13.86 -21.38 28.85
CA GLY B 98 -15.13 -21.34 28.12
C GLY B 98 -14.92 -21.44 26.62
N PRO B 99 -16.00 -21.22 25.83
CA PRO B 99 -15.99 -21.29 24.36
C PRO B 99 -14.91 -20.47 23.62
N ASP B 100 -14.39 -19.39 24.22
CA ASP B 100 -13.17 -18.66 23.70
C ASP B 100 -12.11 -19.65 23.26
N CYS B 101 -12.09 -20.85 23.87
CA CYS B 101 -11.06 -21.88 23.54
C CYS B 101 -10.99 -22.21 22.04
N SER B 102 -12.12 -22.06 21.34
CA SER B 102 -12.25 -22.51 19.97
C SER B 102 -11.93 -21.39 18.97
N ILE B 103 -11.77 -20.18 19.47
CA ILE B 103 -11.37 -19.07 18.62
C ILE B 103 -9.94 -19.35 18.07
N GLY B 104 -9.76 -19.22 16.75
CA GLY B 104 -8.46 -19.46 16.12
C GLY B 104 -7.91 -18.27 15.35
N ILE B 105 -6.90 -18.53 14.52
CA ILE B 105 -6.32 -17.51 13.64
C ILE B 105 -6.30 -18.13 12.25
N GLU B 106 -7.13 -17.60 11.38
CA GLU B 106 -7.19 -18.09 10.01
C GLU B 106 -5.94 -17.70 9.24
N ASP B 107 -5.39 -18.67 8.51
CA ASP B 107 -4.18 -18.47 7.75
C ASP B 107 -4.54 -17.85 6.40
N LEU B 108 -4.13 -16.61 6.21
CA LEU B 108 -4.51 -15.86 5.03
C LEU B 108 -3.30 -15.53 4.20
N SER B 109 -2.20 -16.24 4.44
CA SER B 109 -0.92 -16.01 3.76
C SER B 109 -1.05 -16.14 2.23
N ARG B 110 -1.76 -17.16 1.78
CA ARG B 110 -1.94 -17.37 0.33
C ARG B 110 -2.70 -16.23 -0.33
N ASN B 111 -3.73 -15.73 0.36
CA ASN B 111 -4.54 -14.61 -0.11
C ASN B 111 -3.77 -13.30 -0.17
N ILE B 112 -2.95 -13.06 0.84
CA ILE B 112 -2.12 -11.86 0.85
C ILE B 112 -1.01 -11.97 -0.22
N SER B 113 -0.35 -13.13 -0.33
CA SER B 113 0.67 -13.34 -1.39
C SER B 113 0.08 -13.14 -2.78
N GLU B 114 -1.19 -13.53 -2.94
CA GLU B 114 -1.84 -13.37 -4.25
C GLU B 114 -1.91 -11.89 -4.67
N GLN B 115 -2.37 -11.02 -3.76
CA GLN B 115 -2.41 -9.56 -4.05
C GLN B 115 -1.04 -8.97 -4.26
N ILE B 116 -0.06 -9.39 -3.45
CA ILE B 116 1.31 -8.90 -3.66
C ILE B 116 1.83 -9.26 -5.07
N ASP B 117 1.56 -10.50 -5.49
CA ASP B 117 1.99 -10.95 -6.83
C ASP B 117 1.42 -10.06 -7.95
N GLN B 118 0.17 -9.63 -7.81
CA GLN B 118 -0.50 -8.80 -8.81
C GLN B 118 0.11 -7.40 -8.80
N ILE B 119 0.41 -6.88 -7.61
CA ILE B 119 1.10 -5.60 -7.51
C ILE B 119 2.48 -5.66 -8.23
N LYS B 120 3.20 -6.78 -8.06
CA LYS B 120 4.56 -6.89 -8.59
C LYS B 120 4.60 -7.07 -10.10
N LYS B 121 3.45 -7.35 -10.72
CA LYS B 121 3.31 -7.39 -12.18
C LYS B 121 3.76 -6.11 -12.89
N ASP B 122 3.62 -4.98 -12.19
CA ASP B 122 4.06 -3.66 -12.67
C ASP B 122 5.42 -3.25 -12.05
N GLU B 123 6.48 -3.96 -12.44
CA GLU B 123 7.85 -3.69 -11.98
C GLU B 123 8.82 -3.49 -13.14
N LYS C 17 2.85 28.65 -55.22
CA LYS C 17 4.21 28.97 -54.73
C LYS C 17 4.30 28.93 -53.21
N GLN C 18 5.01 29.93 -52.69
CA GLN C 18 5.41 30.05 -51.30
C GLN C 18 4.27 29.82 -50.32
N ILE C 19 3.14 30.48 -50.56
CA ILE C 19 2.05 30.51 -49.59
C ILE C 19 1.20 29.23 -49.57
N GLU C 20 0.94 28.66 -50.74
CA GLU C 20 0.24 27.38 -50.80
C GLU C 20 1.06 26.24 -50.21
N ASP C 21 2.38 26.29 -50.42
CA ASP C 21 3.29 25.30 -49.87
C ASP C 21 3.42 25.37 -48.35
N LYS C 22 3.46 26.59 -47.81
CA LYS C 22 3.52 26.77 -46.34
C LYS C 22 2.23 26.21 -45.70
N ILE C 23 1.08 26.50 -46.32
CA ILE C 23 -0.20 25.99 -45.81
C ILE C 23 -0.22 24.45 -45.81
N GLU C 24 0.28 23.87 -46.90
CA GLU C 24 0.42 22.42 -47.02
C GLU C 24 1.19 21.79 -45.84
N GLU C 25 2.34 22.37 -45.53
CA GLU C 25 3.15 21.87 -44.40
C GLU C 25 2.46 22.08 -43.05
N ILE C 26 1.76 23.21 -42.90
CA ILE C 26 1.04 23.50 -41.64
C ILE C 26 -0.09 22.45 -41.42
N LEU C 27 -0.84 22.15 -42.48
CA LEU C 27 -1.88 21.16 -42.40
C LEU C 27 -1.41 19.78 -41.94
N SER C 28 -0.27 19.31 -42.46
CA SER C 28 0.24 17.99 -42.02
C SER C 28 0.74 18.09 -40.59
N LYS C 29 1.26 19.26 -40.21
CA LYS C 29 1.77 19.44 -38.86
C LYS C 29 0.61 19.39 -37.87
N ILE C 30 -0.53 19.94 -38.27
CA ILE C 30 -1.71 19.91 -37.42
C ILE C 30 -2.24 18.48 -37.28
N TYR C 31 -2.29 17.74 -38.39
CA TYR C 31 -2.68 16.32 -38.38
C TYR C 31 -1.88 15.53 -37.34
N HIS C 32 -0.57 15.66 -37.41
CA HIS C 32 0.33 14.94 -36.49
C HIS C 32 0.13 15.37 -35.04
N ILE C 33 -0.12 16.66 -34.83
CA ILE C 33 -0.39 17.18 -33.46
C ILE C 33 -1.70 16.61 -32.91
N GLU C 34 -2.72 16.55 -33.76
CA GLU C 34 -4.00 15.94 -33.35
C GLU C 34 -3.82 14.46 -33.02
N ASN C 35 -3.03 13.76 -33.80
CA ASN C 35 -2.79 12.36 -33.49
C ASN C 35 -2.06 12.14 -32.14
N GLU C 36 -1.10 13.03 -31.86
CA GLU C 36 -0.32 12.99 -30.62
C GLU C 36 -1.20 13.29 -29.42
N ILE C 37 -2.09 14.26 -29.57
CA ILE C 37 -3.08 14.57 -28.53
C ILE C 37 -3.97 13.34 -28.26
N ALA C 38 -4.44 12.71 -29.33
CA ALA C 38 -5.27 11.49 -29.17
C ALA C 38 -4.49 10.39 -28.41
N ARG C 39 -3.21 10.24 -28.76
CA ARG C 39 -2.33 9.23 -28.13
C ARG C 39 -2.05 9.54 -26.66
N ILE C 40 -1.90 10.82 -26.35
CA ILE C 40 -1.68 11.28 -24.98
C ILE C 40 -2.97 11.09 -24.13
N LYS C 41 -4.12 11.30 -24.74
CA LYS C 41 -5.35 11.10 -23.99
C LYS C 41 -5.56 9.61 -23.64
N LYS C 42 -5.20 8.70 -24.54
CA LYS C 42 -5.22 7.26 -24.23
C LYS C 42 -4.22 6.93 -23.13
N LEU C 43 -3.01 7.47 -23.21
CA LEU C 43 -1.97 7.20 -22.19
C LEU C 43 -2.45 7.60 -20.79
N ILE C 44 -3.10 8.75 -20.72
CA ILE C 44 -3.63 9.25 -19.44
C ILE C 44 -4.79 8.37 -18.96
N GLY C 45 -5.67 7.99 -19.88
CA GLY C 45 -6.65 6.95 -19.63
C GLY C 45 -6.10 5.69 -18.97
N ASN C 46 -5.05 5.12 -19.56
CA ASN C 46 -4.40 3.91 -19.04
CA ASN C 46 -4.44 3.91 -19.01
C ASN C 46 -3.79 4.15 -17.66
N LEU C 47 -3.27 5.34 -17.45
CA LEU C 47 -2.69 5.70 -16.17
C LEU C 47 -3.69 5.82 -15.05
N VAL C 48 -4.86 6.32 -15.37
CA VAL C 48 -5.95 6.41 -14.41
C VAL C 48 -6.34 4.99 -13.96
N SER C 49 -6.51 4.10 -14.94
CA SER C 49 -6.87 2.72 -14.65
C SER C 49 -5.76 1.97 -13.86
N ARG C 50 -4.49 2.18 -14.21
CA ARG C 50 -3.36 1.59 -13.46
C ARG C 50 -3.28 2.11 -11.99
N LEU C 51 -3.64 3.38 -11.78
CA LEU C 51 -3.58 3.95 -10.44
C LEU C 51 -4.71 3.37 -9.61
N ARG C 52 -5.89 3.26 -10.23
CA ARG C 52 -7.06 2.64 -9.59
C ARG C 52 -6.82 1.17 -9.24
N ARG C 53 -6.14 0.42 -10.13
CA ARG C 53 -5.78 -0.98 -9.87
C ARG C 53 -4.81 -1.12 -8.68
N LEU C 54 -3.81 -0.24 -8.62
CA LEU C 54 -2.89 -0.20 -7.48
C LEU C 54 -3.62 0.08 -6.16
N ALA C 55 -4.47 1.10 -6.16
CA ALA C 55 -5.22 1.48 -4.98
C ALA C 55 -6.12 0.31 -4.55
N ASN C 56 -6.79 -0.32 -5.50
CA ASN C 56 -7.65 -1.48 -5.17
C ASN C 56 -6.87 -2.68 -4.59
N GLN C 57 -5.69 -2.98 -5.14
CA GLN C 57 -4.88 -4.12 -4.68
C GLN C 57 -4.28 -3.81 -3.30
N THR C 58 -3.82 -2.57 -3.11
CA THR C 58 -3.39 -2.07 -1.79
C THR C 58 -4.47 -2.22 -0.72
N ALA C 59 -5.68 -1.76 -1.03
CA ALA C 59 -6.83 -1.86 -0.11
C ALA C 59 -7.15 -3.33 0.21
N LYS C 60 -7.12 -4.19 -0.80
CA LYS C 60 -7.44 -5.60 -0.57
C LYS C 60 -6.36 -6.28 0.31
N SER C 61 -5.11 -5.90 0.11
CA SER C 61 -3.99 -6.46 0.90
C SER C 61 -4.07 -5.95 2.32
N LEU C 62 -4.33 -4.67 2.47
CA LEU C 62 -4.54 -4.11 3.79
C LEU C 62 -5.72 -4.75 4.56
N GLU C 63 -6.84 -4.99 3.88
CA GLU C 63 -8.02 -5.67 4.48
C GLU C 63 -7.68 -7.06 5.02
N LEU C 64 -6.90 -7.82 4.26
CA LEU C 64 -6.44 -9.13 4.70
C LEU C 64 -5.49 -9.03 5.91
N LEU C 65 -4.56 -8.09 5.85
CA LEU C 65 -3.68 -7.88 7.01
C LEU C 65 -4.40 -7.35 8.24
N LEU C 66 -5.41 -6.51 8.02
CA LEU C 66 -6.34 -6.11 9.10
C LEU C 66 -6.96 -7.34 9.79
N ARG C 67 -7.57 -8.23 9.00
CA ARG C 67 -8.20 -9.43 9.55
C ARG C 67 -7.18 -10.26 10.35
N VAL C 68 -6.00 -10.49 9.76
CA VAL C 68 -4.98 -11.35 10.41
C VAL C 68 -4.50 -10.75 11.72
N THR C 69 -4.14 -9.46 11.69
CA THR C 69 -3.68 -8.80 12.93
C THR C 69 -4.75 -8.71 14.01
N THR C 70 -6.00 -8.47 13.61
CA THR C 70 -7.08 -8.39 14.58
C THR C 70 -7.26 -9.76 15.25
N GLU C 71 -7.33 -10.82 14.45
CA GLU C 71 -7.44 -12.19 15.00
C GLU C 71 -6.21 -12.57 15.85
N GLU C 72 -5.01 -12.18 15.42
CA GLU C 72 -3.79 -12.40 16.23
C GLU C 72 -3.86 -11.76 17.60
N ARG C 73 -4.32 -10.51 17.63
CA ARG C 73 -4.48 -9.80 18.90
C ARG C 73 -5.45 -10.53 19.84
N THR C 74 -6.66 -10.79 19.34
CA THR C 74 -7.69 -11.53 20.09
C THR C 74 -7.14 -12.84 20.63
N PHE C 75 -6.51 -13.63 19.76
CA PHE C 75 -5.92 -14.93 20.17
C PHE C 75 -4.83 -14.82 21.25
N SER C 76 -3.91 -13.87 21.09
CA SER C 76 -2.90 -13.58 22.07
C SER C 76 -3.45 -13.20 23.44
N LEU C 77 -4.51 -12.37 23.44
CA LEU C 77 -5.22 -11.97 24.67
C LEU C 77 -5.88 -13.16 25.37
N ILE C 78 -6.45 -14.06 24.58
CA ILE C 78 -7.05 -15.26 25.15
C ILE C 78 -5.90 -16.11 25.75
N ASN C 79 -4.77 -16.20 25.05
CA ASN C 79 -3.61 -16.89 25.65
C ASN C 79 -3.27 -16.25 27.00
N ARG C 80 -3.27 -14.92 27.06
CA ARG C 80 -2.95 -14.26 28.34
C ARG C 80 -3.96 -14.56 29.46
N HIS C 81 -5.25 -14.68 29.11
CA HIS C 81 -6.26 -15.06 30.10
CA HIS C 81 -6.29 -15.11 30.09
C HIS C 81 -5.86 -16.41 30.72
N ALA C 82 -5.44 -17.36 29.88
CA ALA C 82 -5.00 -18.68 30.36
C ALA C 82 -3.78 -18.55 31.26
N ILE C 83 -2.81 -17.75 30.81
CA ILE C 83 -1.60 -17.51 31.56
C ILE C 83 -1.95 -16.86 32.91
N ASP C 84 -2.87 -15.88 32.94
CA ASP C 84 -3.18 -15.21 34.20
C ASP C 84 -3.76 -16.23 35.18
N PHE C 85 -4.64 -17.08 34.66
CA PHE C 85 -5.26 -18.16 35.46
C PHE C 85 -4.21 -19.09 36.08
N LEU C 86 -3.35 -19.63 35.24
CA LEU C 86 -2.23 -20.50 35.67
C LEU C 86 -1.24 -19.83 36.65
N LEU C 87 -1.02 -18.52 36.53
CA LEU C 87 -0.04 -17.88 37.40
C LEU C 87 -0.63 -17.47 38.72
N THR C 88 -1.93 -17.59 38.87
CA THR C 88 -2.62 -17.16 40.11
C THR C 88 -2.03 -17.76 41.40
N ARG C 89 -1.83 -19.08 41.43
CA ARG C 89 -1.28 -19.75 42.62
C ARG C 89 0.20 -19.40 42.92
N TRP C 90 0.93 -18.89 41.93
CA TRP C 90 2.31 -18.45 42.09
C TRP C 90 2.40 -16.97 42.48
N GLY C 91 1.27 -16.35 42.83
CA GLY C 91 1.27 -14.92 43.15
C GLY C 91 0.81 -13.98 42.07
N GLY C 92 0.52 -14.52 40.89
CA GLY C 92 -0.08 -13.75 39.80
C GLY C 92 0.93 -13.30 38.78
N THR C 93 0.44 -13.04 37.57
CA THR C 93 1.32 -12.62 36.47
C THR C 93 2.26 -11.46 36.80
N CYS C 94 1.77 -10.41 37.46
CA CYS C 94 2.64 -9.25 37.76
C CYS C 94 3.81 -9.57 38.72
N LYS C 95 3.53 -10.40 39.73
CA LYS C 95 4.57 -10.84 40.64
C LYS C 95 5.61 -11.71 39.96
N VAL C 96 5.15 -12.61 39.09
CA VAL C 96 6.03 -13.58 38.44
C VAL C 96 6.88 -12.89 37.36
N LEU C 97 6.22 -12.14 36.47
CA LEU C 97 6.90 -11.50 35.35
C LEU C 97 7.50 -10.12 35.61
N GLY C 98 6.97 -9.41 36.61
CA GLY C 98 7.31 -8.01 36.83
C GLY C 98 6.47 -7.08 35.97
N PRO C 99 6.88 -5.82 35.87
CA PRO C 99 6.20 -4.74 35.13
C PRO C 99 5.86 -5.01 33.66
N ASP C 100 6.56 -5.92 33.00
CA ASP C 100 6.18 -6.35 31.64
C ASP C 100 4.72 -6.85 31.61
N CYS C 101 4.20 -7.30 32.77
CA CYS C 101 2.81 -7.77 32.88
C CYS C 101 1.81 -6.75 32.33
N SER C 102 2.16 -5.47 32.38
CA SER C 102 1.20 -4.40 32.05
C SER C 102 1.22 -3.97 30.59
N ILE C 103 2.23 -4.45 29.86
CA ILE C 103 2.38 -4.16 28.42
C ILE C 103 1.25 -4.83 27.64
N GLY C 104 0.53 -4.05 26.84
CA GLY C 104 -0.64 -4.58 26.12
C GLY C 104 -0.51 -4.52 24.61
N ILE C 105 -1.64 -4.70 23.92
CA ILE C 105 -1.69 -4.52 22.47
C ILE C 105 -2.80 -3.52 22.16
N GLU C 106 -2.44 -2.37 21.61
CA GLU C 106 -3.44 -1.33 21.36
C GLU C 106 -4.32 -1.82 20.19
N ASP C 107 -5.63 -1.70 20.32
CA ASP C 107 -6.54 -2.07 19.22
C ASP C 107 -6.63 -0.95 18.18
N LEU C 108 -6.02 -1.14 17.01
CA LEU C 108 -5.96 -0.08 16.02
C LEU C 108 -6.81 -0.44 14.80
N SER C 109 -7.75 -1.38 14.98
CA SER C 109 -8.58 -1.87 13.86
C SER C 109 -9.44 -0.78 13.21
N ARG C 110 -9.98 0.12 14.03
CA ARG C 110 -10.74 1.23 13.46
C ARG C 110 -9.85 2.19 12.67
N ASN C 111 -8.67 2.49 13.20
CA ASN C 111 -7.74 3.39 12.52
C ASN C 111 -7.43 2.83 11.13
N ILE C 112 -7.18 1.53 11.09
CA ILE C 112 -6.75 0.86 9.87
C ILE C 112 -7.90 0.78 8.88
N SER C 113 -9.10 0.42 9.37
CA SER C 113 -10.33 0.43 8.55
C SER C 113 -10.57 1.74 7.86
N GLU C 114 -10.44 2.83 8.62
CA GLU C 114 -10.61 4.17 8.11
C GLU C 114 -9.62 4.48 7.00
N GLN C 115 -8.35 4.09 7.16
CA GLN C 115 -7.37 4.31 6.07
C GLN C 115 -7.76 3.54 4.82
N ILE C 116 -8.17 2.28 5.00
CA ILE C 116 -8.62 1.46 3.88
C ILE C 116 -9.79 2.10 3.13
N ASP C 117 -10.76 2.62 3.90
CA ASP C 117 -11.91 3.26 3.32
C ASP C 117 -11.45 4.46 2.47
N GLN C 118 -10.43 5.21 2.95
CA GLN C 118 -9.96 6.37 2.20
C GLN C 118 -9.36 5.96 0.86
N ILE C 119 -8.56 4.91 0.87
CA ILE C 119 -7.91 4.40 -0.36
C ILE C 119 -8.93 3.96 -1.42
N LYS C 120 -9.99 3.31 -0.97
CA LYS C 120 -11.08 2.81 -1.83
C LYS C 120 -11.92 3.91 -2.52
N LYS C 121 -12.06 5.07 -1.87
CA LYS C 121 -12.89 6.18 -2.40
C LYS C 121 -12.35 6.83 -3.67
N ASP C 122 -13.27 7.31 -4.53
CA ASP C 122 -12.95 8.04 -5.78
C ASP C 122 -13.30 9.54 -5.74
N GLU C 123 -13.71 10.11 -6.89
CA GLU C 123 -14.00 11.56 -7.06
C GLU C 123 -12.81 12.44 -6.66
C1 GOL D . 8.75 -22.52 40.02
O1 GOL D . 10.10 -22.18 40.39
C2 GOL D . 8.72 -23.20 38.65
O2 GOL D . 9.30 -24.50 38.74
C3 GOL D . 7.28 -23.33 38.12
O3 GOL D . 7.30 -24.15 36.93
CL CL E . 0.66 -15.56 22.30
C1 GOL F . -1.38 -9.29 34.18
O1 GOL F . -1.29 -9.93 32.88
C2 GOL F . -2.36 -8.10 34.18
O2 GOL F . -1.72 -6.83 34.01
C3 GOL F . -3.13 -8.03 35.48
O3 GOL F . -4.19 -7.09 35.25
#